data_2BTW
#
_entry.id   2BTW
#
_cell.length_a   47.860
_cell.length_b   62.467
_cell.length_c   76.552
_cell.angle_alpha   90.00
_cell.angle_beta   101.38
_cell.angle_gamma   90.00
#
_symmetry.space_group_name_H-M   'P 1 21 1'
#
loop_
_entity.id
_entity.type
_entity.pdbx_description
1 polymer 'ALR0975 PROTEIN'
2 polymer 'ALR0975 PROTEIN'
3 non-polymer 'CALCIUM ION'
4 water water
#
loop_
_entity_poly.entity_id
_entity_poly.type
_entity_poly.pdbx_seq_one_letter_code
_entity_poly.pdbx_strand_id
1 'polypeptide(L)'
;FCLTLRRRYT(MSE)GHHHHHHHHHHSSGHIEGRH(MSE)KLEQTLTLSPNLIGFNSNEGEKLLLTSRSREDFFPLS
(MSE)QFVTQVNQAYCGVASII(MSE)VLNSLGINAPETAQYSPYRVFTQDNFFSNEKTKAVIAPEVVARQG(MSE)TLD
ELGRLIASYGVKVKVNHASDTNIEDFRKQVAENLKQDGNFVIVNYLRKEIGQERGGHISPLAAYNEQTDRFLI(MSE)DV
SRYKYPPVWVKTTDLWKA(MSE)NTVDSVSQKTRGFVFVSKTQDD
;
A
2 'polypeptide(L)'
;FCLTLRRRYT(MSE)GHHHHHHHHHHSSGHIEGRH(MSE)KLEQTLTLSPNLIGFNSNEGEKLLLTSRSREDFFPLS
(MSE)QFVTQVNQAYCGVASII(MSE)VLNSLGINAPETAQYSPYRVFTQDNFFSNEKTKAVIAPEVVAKQG(MSE)TLD
ELGRLIASYGVKVKVNHASDTNIEDFRKQVAENLKQDGNFVIVNYLRKEIGQERGGHISPLAAYNEQTDRFLI(MSE)DV
SRYKYPPVWVKTTDLWKA(MSE)NTVDSVSQKTRGFVFVSKTQDD
;
B
#
loop_
_chem_comp.id
_chem_comp.type
_chem_comp.name
_chem_comp.formula
CA non-polymer 'CALCIUM ION' 'Ca 2'
#
# COMPACT_ATOMS: atom_id res chain seq x y z
N LEU A 40 8.81 -14.40 11.70
CA LEU A 40 9.97 -13.43 11.71
C LEU A 40 11.11 -13.85 12.66
N SER A 41 12.30 -14.10 12.11
CA SER A 41 13.47 -14.37 12.89
C SER A 41 13.79 -13.24 13.88
N PRO A 42 14.41 -13.57 15.05
CA PRO A 42 14.54 -12.56 16.09
C PRO A 42 15.39 -11.35 15.70
N ASN A 43 16.24 -11.51 14.68
CA ASN A 43 17.07 -10.40 14.22
C ASN A 43 16.29 -9.27 13.52
N LEU A 44 15.03 -9.53 13.19
CA LEU A 44 14.18 -8.58 12.40
C LEU A 44 13.15 -8.00 13.31
N ILE A 45 12.85 -6.71 13.12
CA ILE A 45 11.73 -6.06 13.79
C ILE A 45 10.63 -5.82 12.73
N GLY A 46 9.50 -6.49 12.92
CA GLY A 46 8.39 -6.32 12.02
C GLY A 46 7.79 -4.92 12.15
N PHE A 47 7.44 -4.32 11.02
CA PHE A 47 6.75 -3.03 10.99
C PHE A 47 5.37 -3.23 11.63
N ASN A 48 4.88 -4.47 11.57
CA ASN A 48 3.59 -4.83 12.15
C ASN A 48 3.70 -5.04 13.68
N SER A 49 4.44 -4.16 14.36
CA SER A 49 4.59 -4.24 15.82
C SER A 49 4.72 -2.85 16.41
N ASN A 50 4.51 -2.73 17.72
CA ASN A 50 4.71 -1.43 18.36
C ASN A 50 6.15 -0.92 18.18
N GLU A 51 7.14 -1.81 18.30
CA GLU A 51 8.53 -1.44 18.14
C GLU A 51 8.78 -0.91 16.73
N GLY A 52 8.27 -1.63 15.72
CA GLY A 52 8.49 -1.25 14.33
C GLY A 52 7.79 0.03 13.91
N GLU A 53 6.64 0.32 14.49
CA GLU A 53 6.00 1.59 14.21
C GLU A 53 6.86 2.72 14.82
N LYS A 54 7.30 2.50 16.07
CA LYS A 54 8.15 3.45 16.80
C LYS A 54 9.50 3.74 16.11
N LEU A 55 10.09 2.71 15.52
CA LEU A 55 11.29 2.91 14.68
C LEU A 55 11.03 3.82 13.50
N LEU A 56 9.82 3.78 12.94
CA LEU A 56 9.47 4.75 11.93
C LEU A 56 9.26 6.17 12.52
N LEU A 57 8.57 6.24 13.66
CA LEU A 57 8.27 7.55 14.30
C LEU A 57 9.53 8.25 14.83
N THR A 58 10.51 7.46 15.26
CA THR A 58 11.79 8.02 15.74
C THR A 58 12.84 8.15 14.64
N SER A 59 12.53 7.72 13.42
CA SER A 59 13.52 7.80 12.34
C SER A 59 13.64 9.22 11.84
N ARG A 60 14.86 9.63 11.51
CA ARG A 60 15.13 10.94 10.93
C ARG A 60 15.43 10.80 9.43
N SER A 61 15.26 9.60 8.86
CA SER A 61 15.56 9.36 7.42
C SER A 61 14.43 8.47 6.92
N ARG A 62 13.30 9.11 6.65
CA ARG A 62 12.05 8.40 6.42
C ARG A 62 11.15 9.11 5.41
N GLU A 63 11.68 10.10 4.69
CA GLU A 63 10.91 10.81 3.64
C GLU A 63 10.30 9.86 2.59
N ASP A 64 11.03 8.80 2.22
CA ASP A 64 10.58 7.89 1.17
C ASP A 64 9.39 7.05 1.62
N PHE A 65 9.24 6.90 2.93
CA PHE A 65 8.19 6.04 3.46
C PHE A 65 6.80 6.49 2.99
N PHE A 66 6.58 7.80 3.01
CA PHE A 66 5.25 8.36 2.74
C PHE A 66 4.79 8.06 1.30
N PRO A 67 5.53 8.56 0.28
CA PRO A 67 5.13 8.16 -1.05
C PRO A 67 5.11 6.64 -1.31
N LEU A 68 6.09 5.88 -0.81
CA LEU A 68 6.11 4.42 -1.02
C LEU A 68 4.86 3.75 -0.41
N SER A 69 4.48 4.17 0.79
CA SER A 69 3.30 3.62 1.50
C SER A 69 2.07 3.86 0.61
N MSE A 70 2.03 5.01 -0.06
CA MSE A 70 0.89 5.31 -0.93
C MSE A 70 0.80 4.46 -2.19
O MSE A 70 -0.26 4.37 -2.78
CB MSE A 70 0.97 6.76 -1.39
CG MSE A 70 0.50 7.71 -0.40
SE MSE A 70 0.93 9.50 -1.05
CE MSE A 70 0.28 9.48 -2.95
N GLN A 71 1.93 3.90 -2.61
CA GLN A 71 2.05 3.05 -3.82
C GLN A 71 2.25 1.56 -3.51
N PHE A 72 2.34 1.22 -2.23
CA PHE A 72 2.65 -0.17 -1.78
C PHE A 72 1.73 -1.17 -2.50
N VAL A 73 2.34 -2.18 -3.12
CA VAL A 73 1.61 -3.21 -3.85
C VAL A 73 2.08 -4.61 -3.49
N THR A 74 1.24 -5.60 -3.79
CA THR A 74 1.61 -6.98 -3.65
C THR A 74 2.16 -7.49 -5.01
N GLN A 75 3.37 -8.06 -5.00
CA GLN A 75 3.90 -8.80 -6.16
C GLN A 75 2.88 -9.81 -6.70
N VAL A 76 2.72 -9.85 -8.03
CA VAL A 76 1.91 -10.84 -8.69
C VAL A 76 2.34 -12.22 -8.24
N ASN A 77 3.67 -12.44 -8.19
CA ASN A 77 4.32 -13.65 -7.70
C ASN A 77 5.77 -13.31 -7.36
N GLN A 78 6.54 -14.31 -6.93
CA GLN A 78 7.90 -14.05 -6.50
C GLN A 78 8.76 -13.48 -7.65
N ALA A 79 8.53 -13.96 -8.87
CA ALA A 79 9.35 -13.60 -10.02
C ALA A 79 9.15 -12.14 -10.31
N TYR A 80 7.97 -11.63 -9.97
CA TYR A 80 7.60 -10.25 -10.17
C TYR A 80 7.97 -9.29 -9.04
N CYS A 81 8.75 -9.72 -8.05
CA CYS A 81 9.12 -8.80 -6.92
C CYS A 81 9.77 -7.49 -7.38
N GLY A 82 10.68 -7.60 -8.35
CA GLY A 82 11.33 -6.45 -8.93
C GLY A 82 10.35 -5.55 -9.68
N VAL A 83 9.43 -6.14 -10.46
CA VAL A 83 8.42 -5.32 -11.14
C VAL A 83 7.55 -4.51 -10.10
N ALA A 84 7.09 -5.18 -9.05
CA ALA A 84 6.30 -4.57 -8.01
C ALA A 84 7.11 -3.40 -7.40
N SER A 85 8.41 -3.66 -7.17
CA SER A 85 9.31 -2.68 -6.58
C SER A 85 9.50 -1.44 -7.49
N ILE A 86 9.74 -1.68 -8.79
CA ILE A 86 9.96 -0.59 -9.78
C ILE A 86 8.71 0.29 -9.85
N ILE A 87 7.54 -0.31 -10.01
CA ILE A 87 6.34 0.49 -10.16
C ILE A 87 5.99 1.33 -8.93
N MSE A 88 6.31 0.86 -7.72
CA MSE A 88 6.10 1.73 -6.56
C MSE A 88 6.95 2.98 -6.67
O MSE A 88 6.51 4.09 -6.32
CB MSE A 88 6.46 1.01 -5.26
CG MSE A 88 5.45 -0.07 -4.89
SE MSE A 88 6.21 -1.17 -3.47
CE MSE A 88 6.48 0.12 -2.04
N VAL A 89 8.21 2.78 -7.11
CA VAL A 89 9.16 3.89 -7.20
C VAL A 89 8.78 4.80 -8.36
N LEU A 90 8.44 4.21 -9.49
CA LEU A 90 8.01 4.98 -10.67
C LEU A 90 6.71 5.78 -10.47
N ASN A 91 5.71 5.16 -9.87
CA ASN A 91 4.54 5.96 -9.44
C ASN A 91 4.94 7.08 -8.49
N SER A 92 5.89 6.81 -7.61
CA SER A 92 6.25 7.81 -6.60
C SER A 92 7.03 8.97 -7.23
N LEU A 93 7.74 8.70 -8.33
CA LEU A 93 8.52 9.73 -9.02
C LEU A 93 7.66 10.55 -9.95
N GLY A 94 6.48 10.05 -10.31
CA GLY A 94 5.51 10.85 -11.09
C GLY A 94 5.88 11.05 -12.55
N ILE A 95 6.71 10.15 -13.06
CA ILE A 95 7.35 10.19 -14.39
C ILE A 95 6.35 10.20 -15.53
N ASN A 96 6.70 9.52 -16.63
CA ASN A 96 5.79 9.21 -17.73
C ASN A 96 5.10 7.90 -17.47
N ALA A 97 3.86 7.91 -16.98
CA ALA A 97 3.19 6.63 -16.69
C ALA A 97 2.57 6.00 -17.95
N PRO A 98 2.52 4.67 -18.04
CA PRO A 98 1.81 4.03 -19.16
C PRO A 98 0.33 4.42 -19.27
N GLU A 99 -0.20 4.41 -20.49
CA GLU A 99 -1.60 4.74 -20.73
C GLU A 99 -2.22 3.47 -21.30
N THR A 100 -2.93 2.68 -20.47
CA THR A 100 -3.53 1.44 -20.96
C THR A 100 -5.03 1.38 -20.63
N ALA A 101 -5.69 0.37 -21.18
CA ALA A 101 -7.15 0.20 -21.03
C ALA A 101 -7.58 0.05 -19.55
N GLN A 102 -6.80 -0.69 -18.78
CA GLN A 102 -7.11 -1.04 -17.39
C GLN A 102 -7.57 0.21 -16.67
N TYR A 103 -6.73 1.24 -16.62
CA TYR A 103 -7.11 2.44 -15.86
C TYR A 103 -7.38 3.71 -16.66
N SER A 104 -7.38 3.62 -17.98
CA SER A 104 -7.62 4.81 -18.80
C SER A 104 -8.98 5.48 -18.46
N PRO A 105 -9.03 6.82 -18.50
CA PRO A 105 -8.09 7.82 -18.98
C PRO A 105 -6.83 7.99 -18.09
N TYR A 106 -6.75 7.32 -16.94
CA TYR A 106 -5.64 7.53 -15.98
C TYR A 106 -4.36 6.83 -16.42
N ARG A 107 -3.24 7.50 -16.13
CA ARG A 107 -1.92 6.98 -16.34
C ARG A 107 -1.30 6.61 -14.98
N VAL A 108 -0.84 5.38 -14.87
CA VAL A 108 -0.32 4.82 -13.65
C VAL A 108 0.55 3.62 -13.99
N PHE A 109 1.62 3.41 -13.24
CA PHE A 109 2.39 2.16 -13.39
C PHE A 109 1.70 1.06 -12.60
N THR A 110 1.64 -0.10 -13.21
CA THR A 110 1.03 -1.25 -12.63
C THR A 110 1.95 -2.39 -13.06
N GLN A 111 1.89 -3.54 -12.38
CA GLN A 111 2.64 -4.72 -12.78
C GLN A 111 2.18 -5.26 -14.13
N ASP A 112 0.87 -5.20 -14.37
CA ASP A 112 0.24 -5.62 -15.62
C ASP A 112 0.66 -4.72 -16.81
N ASN A 113 0.85 -3.43 -16.58
CA ASN A 113 1.25 -2.55 -17.70
C ASN A 113 2.69 -2.17 -17.84
N PHE A 114 3.54 -2.66 -16.95
CA PHE A 114 4.93 -2.25 -16.88
C PHE A 114 5.69 -2.47 -18.20
N PHE A 115 5.37 -3.59 -18.87
CA PHE A 115 6.02 -3.92 -20.15
C PHE A 115 5.26 -3.34 -21.37
N SER A 116 4.39 -2.35 -21.19
CA SER A 116 3.81 -1.71 -22.40
C SER A 116 4.86 -0.90 -23.17
N ASN A 117 5.87 -0.40 -22.43
CA ASN A 117 7.01 0.39 -22.93
C ASN A 117 7.88 -0.50 -23.83
N GLU A 118 7.97 -0.11 -25.09
CA GLU A 118 8.72 -0.92 -26.08
C GLU A 118 10.20 -1.17 -25.69
N LYS A 119 10.89 -0.11 -25.24
CA LYS A 119 12.26 -0.21 -24.67
C LYS A 119 12.35 -1.20 -23.49
N THR A 120 11.34 -1.22 -22.62
CA THR A 120 11.35 -2.09 -21.45
C THR A 120 11.33 -3.55 -21.90
N LYS A 121 10.44 -3.88 -22.83
CA LYS A 121 10.40 -5.24 -23.42
C LYS A 121 11.73 -5.69 -24.01
N ALA A 122 12.48 -4.74 -24.57
CA ALA A 122 13.76 -5.04 -25.26
C ALA A 122 14.87 -5.40 -24.28
N VAL A 123 14.76 -4.89 -23.06
CA VAL A 123 15.75 -5.16 -22.02
C VAL A 123 15.75 -6.65 -21.72
N ILE A 124 14.56 -7.19 -21.49
CA ILE A 124 14.34 -8.60 -21.19
C ILE A 124 12.85 -8.90 -21.41
N ALA A 125 12.59 -10.03 -22.05
CA ALA A 125 11.26 -10.49 -22.35
C ALA A 125 10.46 -10.51 -21.07
N PRO A 126 9.21 -10.00 -21.15
CA PRO A 126 8.24 -10.11 -20.04
C PRO A 126 8.09 -11.57 -19.56
N GLU A 127 8.06 -12.51 -20.50
CA GLU A 127 7.91 -13.96 -20.25
C GLU A 127 9.03 -14.51 -19.41
N VAL A 128 10.24 -13.99 -19.65
CA VAL A 128 11.40 -14.43 -18.91
C VAL A 128 11.30 -13.94 -17.46
N VAL A 129 11.06 -12.65 -17.29
CA VAL A 129 10.92 -12.03 -15.95
C VAL A 129 9.81 -12.70 -15.14
N ALA A 130 8.69 -13.05 -15.81
CA ALA A 130 7.57 -13.76 -15.19
C ALA A 130 7.95 -15.14 -14.60
N ARG A 131 9.02 -15.74 -15.12
CA ARG A 131 9.47 -17.06 -14.68
C ARG A 131 10.64 -16.98 -13.75
N GLN A 132 11.63 -16.15 -14.10
CA GLN A 132 12.91 -16.15 -13.34
C GLN A 132 13.26 -14.84 -12.64
N GLY A 133 12.37 -13.87 -12.73
CA GLY A 133 12.65 -12.63 -12.07
C GLY A 133 13.70 -11.87 -12.85
N MSE A 134 14.40 -11.01 -12.13
CA MSE A 134 15.37 -10.16 -12.76
C MSE A 134 16.57 -10.06 -11.83
O MSE A 134 16.44 -10.12 -10.58
CB MSE A 134 14.76 -8.77 -13.00
CG MSE A 134 14.59 -7.95 -11.71
SE MSE A 134 13.61 -6.29 -11.97
CE MSE A 134 12.03 -7.00 -12.78
N THR A 135 17.71 -9.85 -12.44
CA THR A 135 18.93 -9.58 -11.70
C THR A 135 19.05 -8.10 -11.34
N LEU A 136 20.04 -7.78 -10.54
CA LEU A 136 20.35 -6.37 -10.19
C LEU A 136 20.62 -5.47 -11.40
N ASP A 137 21.49 -5.93 -12.32
CA ASP A 137 21.74 -5.21 -13.58
C ASP A 137 20.48 -5.06 -14.42
N GLU A 138 19.65 -6.11 -14.47
CA GLU A 138 18.38 -6.05 -15.24
C GLU A 138 17.38 -5.07 -14.61
N LEU A 139 17.28 -5.11 -13.28
CA LEU A 139 16.50 -4.14 -12.52
C LEU A 139 16.94 -2.70 -12.92
N GLY A 140 18.24 -2.41 -12.85
CA GLY A 140 18.78 -1.16 -13.39
C GLY A 140 18.32 -0.81 -14.80
N ARG A 141 18.52 -1.73 -15.73
CA ARG A 141 18.18 -1.48 -17.12
C ARG A 141 16.65 -1.27 -17.35
N LEU A 142 15.81 -2.02 -16.62
CA LEU A 142 14.36 -1.94 -16.72
C LEU A 142 13.83 -0.58 -16.22
N ILE A 143 14.39 -0.10 -15.11
CA ILE A 143 14.04 1.22 -14.58
C ILE A 143 14.51 2.32 -15.58
N ALA A 144 15.77 2.24 -16.02
CA ALA A 144 16.36 3.19 -16.98
C ALA A 144 15.56 3.33 -18.27
N SER A 145 14.83 2.28 -18.65
CA SER A 145 14.06 2.24 -19.90
C SER A 145 12.83 3.15 -19.90
N TYR A 146 12.36 3.54 -18.71
CA TYR A 146 11.37 4.62 -18.57
C TYR A 146 11.96 6.03 -18.41
N GLY A 147 13.25 6.20 -18.74
CA GLY A 147 13.87 7.54 -18.80
C GLY A 147 14.20 8.17 -17.48
N VAL A 148 14.32 7.36 -16.45
CA VAL A 148 14.77 7.87 -15.17
C VAL A 148 16.27 7.55 -14.97
N LYS A 149 16.90 8.29 -14.07
CA LYS A 149 18.33 8.16 -13.76
C LYS A 149 18.51 7.04 -12.74
N VAL A 150 19.43 6.13 -13.02
CA VAL A 150 19.59 4.93 -12.17
C VAL A 150 21.08 4.70 -11.89
N LYS A 151 21.41 4.38 -10.66
CA LYS A 151 22.78 4.05 -10.31
C LYS A 151 22.73 2.69 -9.67
N VAL A 152 23.36 1.72 -10.32
CA VAL A 152 23.38 0.34 -9.86
C VAL A 152 24.66 0.12 -9.06
N ASN A 153 24.47 -0.40 -7.86
CA ASN A 153 25.58 -0.62 -6.94
C ASN A 153 25.65 -2.03 -6.48
N HIS A 154 26.47 -2.83 -7.15
CA HIS A 154 26.81 -4.14 -6.66
C HIS A 154 27.58 -4.05 -5.34
N ALA A 155 27.23 -4.91 -4.39
CA ALA A 155 27.92 -4.95 -3.08
C ALA A 155 29.44 -5.11 -3.20
N SER A 156 29.86 -5.92 -4.17
CA SER A 156 31.28 -6.17 -4.44
C SER A 156 32.06 -4.92 -4.89
N ASP A 157 31.34 -3.88 -5.29
CA ASP A 157 31.94 -2.61 -5.74
C ASP A 157 31.85 -1.54 -4.65
N THR A 158 31.21 -1.86 -3.53
CA THR A 158 31.18 -0.97 -2.37
C THR A 158 31.51 -1.69 -1.09
N ASN A 159 31.08 -1.07 0.01
CA ASN A 159 31.23 -1.59 1.34
C ASN A 159 30.08 -1.08 2.18
N ILE A 160 29.91 -1.70 3.34
CA ILE A 160 28.84 -1.40 4.28
C ILE A 160 28.81 0.09 4.74
N GLU A 161 30.00 0.68 4.96
CA GLU A 161 30.02 2.06 5.47
C GLU A 161 29.43 3.03 4.43
N ASP A 162 29.86 2.87 3.19
CA ASP A 162 29.38 3.68 2.07
C ASP A 162 27.90 3.41 1.77
N PHE A 163 27.49 2.14 1.76
CA PHE A 163 26.07 1.77 1.62
C PHE A 163 25.24 2.48 2.65
N ARG A 164 25.64 2.32 3.92
CA ARG A 164 24.80 2.82 4.99
C ARG A 164 24.64 4.32 4.82
N LYS A 165 25.77 4.98 4.56
CA LYS A 165 25.84 6.43 4.58
C LYS A 165 25.08 7.04 3.41
N GLN A 166 25.30 6.48 2.23
CA GLN A 166 24.70 6.99 1.01
C GLN A 166 23.20 6.74 0.99
N VAL A 167 22.78 5.57 1.48
CA VAL A 167 21.35 5.25 1.53
C VAL A 167 20.60 6.08 2.59
N ALA A 168 21.15 6.18 3.80
CA ALA A 168 20.57 7.06 4.84
C ALA A 168 20.36 8.51 4.37
N GLU A 169 21.31 9.04 3.59
CA GLU A 169 21.19 10.35 2.91
C GLU A 169 20.02 10.37 1.93
N ASN A 170 20.01 9.39 1.02
CA ASN A 170 18.97 9.22 0.03
C ASN A 170 17.57 9.18 0.63
N LEU A 171 17.43 8.49 1.76
CA LEU A 171 16.15 8.31 2.41
C LEU A 171 15.60 9.60 2.99
N LYS A 172 16.48 10.60 3.16
CA LYS A 172 16.11 11.97 3.60
C LYS A 172 15.69 12.89 2.44
N GLN A 173 16.01 12.52 1.21
CA GLN A 173 15.78 13.41 0.08
C GLN A 173 14.49 13.01 -0.60
N ASP A 174 13.70 13.98 -1.04
CA ASP A 174 12.61 13.65 -1.93
C ASP A 174 13.12 13.40 -3.38
N GLY A 175 12.37 12.63 -4.15
CA GLY A 175 12.68 12.39 -5.55
C GLY A 175 13.86 11.47 -5.83
N ASN A 176 14.32 10.78 -4.80
CA ASN A 176 15.43 9.83 -4.81
C ASN A 176 14.91 8.60 -4.05
N PHE A 177 14.98 7.42 -4.67
CA PHE A 177 14.52 6.19 -4.05
C PHE A 177 15.60 5.15 -4.11
N VAL A 178 15.53 4.17 -3.22
CA VAL A 178 16.46 3.05 -3.23
C VAL A 178 15.69 1.72 -3.24
N ILE A 179 16.16 0.81 -4.10
CA ILE A 179 15.61 -0.53 -4.16
C ILE A 179 16.80 -1.45 -3.86
N VAL A 180 16.57 -2.41 -2.96
CA VAL A 180 17.61 -3.37 -2.61
C VAL A 180 17.31 -4.76 -3.16
N ASN A 181 18.39 -5.48 -3.48
CA ASN A 181 18.35 -6.84 -4.00
C ASN A 181 19.22 -7.70 -3.05
N TYR A 182 18.64 -8.73 -2.44
CA TYR A 182 19.35 -9.41 -1.35
C TYR A 182 18.87 -10.87 -1.26
N LEU A 183 19.66 -11.72 -0.60
CA LEU A 183 19.29 -13.11 -0.37
C LEU A 183 18.55 -13.18 0.96
N ARG A 184 17.28 -13.58 0.93
CA ARG A 184 16.46 -13.52 2.14
C ARG A 184 17.06 -14.31 3.33
N LYS A 185 17.62 -15.47 3.02
CA LYS A 185 18.04 -16.39 4.07
C LYS A 185 19.14 -15.74 4.91
N GLU A 186 19.97 -14.87 4.30
CA GLU A 186 20.94 -14.06 5.08
C GLU A 186 20.34 -13.07 6.09
N ILE A 187 19.07 -12.75 5.98
CA ILE A 187 18.46 -11.96 7.02
C ILE A 187 17.51 -12.81 7.86
N GLY A 188 17.59 -14.11 7.68
CA GLY A 188 16.78 -15.04 8.47
C GLY A 188 15.42 -15.24 7.85
N GLN A 189 15.27 -14.90 6.58
CA GLN A 189 13.98 -15.11 5.96
C GLN A 189 13.99 -16.25 4.97
N GLU A 190 12.79 -16.61 4.50
CA GLU A 190 12.65 -17.77 3.67
C GLU A 190 12.98 -17.49 2.24
N ARG A 191 14.29 -17.62 2.07
CA ARG A 191 15.01 -18.29 1.02
C ARG A 191 15.78 -17.44 0.03
N GLY A 192 15.29 -17.36 -1.20
CA GLY A 192 16.13 -16.94 -2.30
C GLY A 192 16.22 -15.44 -2.40
N GLY A 193 16.64 -14.97 -3.58
CA GLY A 193 16.92 -13.57 -3.81
C GLY A 193 15.60 -12.83 -3.84
N HIS A 194 15.60 -11.61 -3.33
CA HIS A 194 14.37 -10.80 -3.33
C HIS A 194 14.74 -9.39 -3.74
N ILE A 195 13.74 -8.60 -4.12
CA ILE A 195 13.94 -7.18 -4.43
C ILE A 195 12.79 -6.48 -3.75
N SER A 196 13.09 -5.36 -3.10
CA SER A 196 12.07 -4.47 -2.50
C SER A 196 12.64 -3.10 -2.22
N PRO A 197 11.78 -2.07 -2.26
CA PRO A 197 12.27 -0.73 -1.92
C PRO A 197 12.59 -0.57 -0.43
N LEU A 198 13.50 0.35 -0.13
CA LEU A 198 13.71 0.85 1.25
C LEU A 198 12.90 2.09 1.50
N ALA A 199 12.33 2.20 2.71
CA ALA A 199 11.44 3.31 3.06
C ALA A 199 12.05 4.24 4.09
N ALA A 200 12.93 3.69 4.94
CA ALA A 200 13.46 4.46 6.04
C ALA A 200 14.71 3.86 6.64
N TYR A 201 15.44 4.71 7.36
CA TYR A 201 16.56 4.29 8.15
C TYR A 201 16.38 4.80 9.58
N ASN A 202 16.60 3.88 10.52
CA ASN A 202 16.52 4.25 11.91
C ASN A 202 17.95 4.29 12.48
N GLU A 203 18.38 5.52 12.73
CA GLU A 203 19.75 5.83 13.26
C GLU A 203 20.07 5.10 14.59
N GLN A 204 19.15 5.21 15.55
CA GLN A 204 19.27 4.61 16.89
C GLN A 204 19.58 3.11 16.88
N THR A 205 18.93 2.39 15.98
CA THR A 205 19.10 0.93 15.90
C THR A 205 19.91 0.46 14.68
N ASP A 206 20.25 1.38 13.78
CA ASP A 206 21.00 1.03 12.57
C ASP A 206 20.23 -0.06 11.81
N ARG A 207 18.95 0.24 11.52
CA ARG A 207 18.10 -0.65 10.83
C ARG A 207 17.50 0.11 9.68
N PHE A 208 17.28 -0.60 8.59
CA PHE A 208 16.60 -0.11 7.42
C PHE A 208 15.22 -0.75 7.32
N LEU A 209 14.25 0.04 6.84
CA LEU A 209 12.91 -0.48 6.59
C LEU A 209 12.74 -0.96 5.14
N ILE A 210 12.51 -2.25 5.01
CA ILE A 210 12.24 -2.85 3.71
C ILE A 210 10.72 -2.95 3.51
N MSE A 211 10.24 -2.29 2.46
CA MSE A 211 8.84 -2.34 2.02
C MSE A 211 8.66 -3.61 1.18
O MSE A 211 8.60 -3.58 -0.06
CB MSE A 211 8.53 -1.05 1.20
CG MSE A 211 8.68 0.22 2.05
SE MSE A 211 7.36 0.26 3.59
CE MSE A 211 5.63 0.57 2.51
N ASP A 212 8.52 -4.74 1.90
CA ASP A 212 8.51 -6.03 1.28
C ASP A 212 7.23 -6.24 0.42
N VAL A 213 7.40 -6.28 -0.91
CA VAL A 213 6.32 -6.52 -1.87
C VAL A 213 5.69 -7.94 -1.78
N SER A 214 6.33 -8.89 -1.09
CA SER A 214 5.70 -10.19 -0.78
C SER A 214 4.71 -10.08 0.36
N ARG A 215 3.72 -9.21 0.27
CA ARG A 215 2.93 -8.85 1.43
C ARG A 215 2.09 -9.97 2.03
N TYR A 216 1.69 -10.94 1.20
CA TYR A 216 1.02 -12.16 1.69
C TYR A 216 1.92 -13.10 2.54
N LYS A 217 3.22 -12.81 2.58
CA LYS A 217 4.23 -13.72 3.17
C LYS A 217 4.91 -13.02 4.34
N TYR A 218 5.36 -11.82 4.12
CA TYR A 218 6.01 -11.09 5.16
C TYR A 218 5.49 -9.67 5.30
N PRO A 219 5.61 -9.08 6.51
CA PRO A 219 5.36 -7.65 6.69
C PRO A 219 6.59 -6.88 6.23
N PRO A 220 6.48 -5.54 6.10
CA PRO A 220 7.76 -4.80 6.04
C PRO A 220 8.57 -5.08 7.33
N VAL A 221 9.89 -5.06 7.21
CA VAL A 221 10.78 -5.51 8.25
C VAL A 221 11.88 -4.42 8.42
N TRP A 222 12.23 -4.17 9.66
CA TRP A 222 13.40 -3.34 10.01
C TRP A 222 14.61 -4.24 10.21
N VAL A 223 15.57 -4.14 9.30
CA VAL A 223 16.70 -5.07 9.27
C VAL A 223 17.99 -4.31 9.65
N LYS A 224 18.78 -4.90 10.55
CA LYS A 224 20.10 -4.32 10.89
C LYS A 224 20.90 -4.14 9.60
N THR A 225 21.61 -3.03 9.49
CA THR A 225 22.40 -2.77 8.27
C THR A 225 23.38 -3.94 8.03
N THR A 226 23.93 -4.52 9.12
CA THR A 226 24.89 -5.61 8.93
C THR A 226 24.28 -6.88 8.33
N ASP A 227 23.05 -7.21 8.71
CA ASP A 227 22.27 -8.31 8.06
C ASP A 227 21.96 -8.01 6.62
N LEU A 228 21.52 -6.77 6.34
CA LEU A 228 21.18 -6.41 4.96
C LEU A 228 22.44 -6.39 4.11
N TRP A 229 23.56 -5.89 4.65
CA TRP A 229 24.82 -5.94 3.91
C TRP A 229 25.20 -7.38 3.51
N LYS A 230 25.20 -8.30 4.47
CA LYS A 230 25.55 -9.71 4.23
C LYS A 230 24.61 -10.33 3.18
N ALA A 231 23.33 -9.93 3.24
CA ALA A 231 22.33 -10.44 2.29
C ALA A 231 22.55 -9.98 0.87
N MSE A 232 22.98 -8.72 0.71
CA MSE A 232 23.33 -8.14 -0.58
C MSE A 232 24.68 -8.62 -1.12
O MSE A 232 24.87 -8.70 -2.34
CB MSE A 232 23.32 -6.62 -0.53
CG MSE A 232 21.88 -6.01 -0.40
SE MSE A 232 22.10 -4.07 -0.39
CE MSE A 232 23.25 -3.68 1.16
N ASN A 233 25.61 -8.92 -0.20
CA ASN A 233 26.95 -9.40 -0.56
C ASN A 233 26.92 -10.89 -0.84
N THR A 234 26.04 -11.26 -1.75
CA THR A 234 25.83 -12.65 -2.11
C THR A 234 25.79 -12.72 -3.61
N VAL A 235 26.28 -13.83 -4.14
CA VAL A 235 26.37 -13.97 -5.58
C VAL A 235 25.08 -14.59 -6.10
N ASP A 236 24.42 -13.85 -6.97
CA ASP A 236 23.23 -14.30 -7.61
C ASP A 236 23.71 -15.25 -8.73
N SER A 237 23.27 -16.50 -8.67
CA SER A 237 23.73 -17.54 -9.60
C SER A 237 23.28 -17.25 -11.05
N VAL A 238 22.15 -16.58 -11.19
CA VAL A 238 21.68 -16.13 -12.51
C VAL A 238 22.64 -15.10 -13.13
N SER A 239 23.05 -14.06 -12.40
CA SER A 239 24.01 -13.08 -12.97
C SER A 239 25.51 -13.46 -12.82
N GLN A 240 25.83 -14.39 -11.93
CA GLN A 240 27.22 -14.63 -11.47
C GLN A 240 27.86 -13.33 -10.94
N LYS A 241 26.99 -12.44 -10.47
CA LYS A 241 27.44 -11.18 -9.89
C LYS A 241 26.79 -11.03 -8.53
N THR A 242 27.40 -10.20 -7.74
CA THR A 242 26.90 -9.88 -6.42
C THR A 242 25.51 -9.14 -6.54
N ARG A 243 24.65 -9.33 -5.53
CA ARG A 243 23.45 -8.49 -5.40
C ARG A 243 23.87 -7.07 -4.89
N GLY A 244 22.92 -6.23 -4.53
CA GLY A 244 23.22 -4.86 -4.17
C GLY A 244 21.98 -3.99 -4.15
N PHE A 245 22.17 -2.72 -4.49
CA PHE A 245 21.11 -1.73 -4.42
C PHE A 245 21.16 -0.75 -5.61
N VAL A 246 20.03 -0.17 -5.90
CA VAL A 246 19.91 0.75 -7.03
C VAL A 246 19.33 2.04 -6.47
N PHE A 247 19.91 3.17 -6.87
CA PHE A 247 19.34 4.49 -6.64
C PHE A 247 18.57 4.95 -7.88
N VAL A 248 17.46 5.63 -7.65
CA VAL A 248 16.55 5.99 -8.71
C VAL A 248 16.14 7.42 -8.44
N SER A 249 16.30 8.27 -9.45
CA SER A 249 15.75 9.61 -9.43
C SER A 249 15.39 10.10 -10.83
N LEU B 40 -6.65 18.36 -6.52
CA LEU B 40 -7.28 18.40 -5.16
C LEU B 40 -7.88 19.76 -4.86
N SER B 41 -9.16 19.79 -4.52
CA SER B 41 -9.84 21.00 -4.07
C SER B 41 -9.16 21.58 -2.79
N PRO B 42 -9.23 22.92 -2.59
CA PRO B 42 -8.47 23.54 -1.49
C PRO B 42 -8.89 23.07 -0.10
N ASN B 43 -10.10 22.54 0.01
CA ASN B 43 -10.62 22.07 1.32
C ASN B 43 -10.00 20.76 1.80
N LEU B 44 -9.24 20.11 0.93
CA LEU B 44 -8.61 18.78 1.18
C LEU B 44 -7.13 18.97 1.35
N ILE B 45 -6.55 18.26 2.30
CA ILE B 45 -5.09 18.23 2.45
C ILE B 45 -4.58 16.85 2.02
N GLY B 46 -3.82 16.85 0.94
CA GLY B 46 -3.31 15.62 0.39
C GLY B 46 -2.26 15.01 1.29
N PHE B 47 -2.31 13.69 1.45
CA PHE B 47 -1.29 12.93 2.17
C PHE B 47 0.04 13.07 1.43
N ASN B 48 -0.05 13.26 0.11
CA ASN B 48 1.14 13.50 -0.70
C ASN B 48 1.70 14.95 -0.59
N SER B 49 1.75 15.48 0.63
CA SER B 49 2.26 16.83 0.87
C SER B 49 2.90 16.91 2.26
N ASN B 50 3.71 17.95 2.49
CA ASN B 50 4.29 18.15 3.81
C ASN B 50 3.29 18.23 4.95
N GLU B 51 2.24 19.04 4.75
CA GLU B 51 1.19 19.26 5.75
C GLU B 51 0.43 17.95 6.01
N GLY B 52 0.13 17.21 4.94
CA GLY B 52 -0.47 15.91 5.03
C GLY B 52 0.30 14.87 5.82
N GLU B 53 1.61 14.79 5.59
CA GLU B 53 2.47 13.90 6.38
C GLU B 53 2.50 14.37 7.84
N LYS B 54 2.59 15.68 8.02
CA LYS B 54 2.62 16.28 9.34
C LYS B 54 1.34 16.03 10.15
N LEU B 55 0.19 16.07 9.49
CA LEU B 55 -1.08 15.74 10.14
C LEU B 55 -1.13 14.29 10.65
N LEU B 56 -0.38 13.39 10.00
CA LEU B 56 -0.28 12.02 10.52
C LEU B 56 0.63 11.93 11.75
N LEU B 57 1.76 12.64 11.66
CA LEU B 57 2.77 12.66 12.77
C LEU B 57 2.24 13.32 14.03
N THR B 58 1.36 14.31 13.87
CA THR B 58 0.75 15.02 14.99
C THR B 58 -0.63 14.53 15.37
N SER B 59 -1.07 13.44 14.72
CA SER B 59 -2.34 12.80 15.07
C SER B 59 -2.14 11.90 16.27
N ARG B 60 -3.12 11.91 17.16
CA ARG B 60 -3.14 11.02 18.33
C ARG B 60 -4.18 9.89 18.15
N SER B 61 -4.68 9.73 16.92
CA SER B 61 -5.74 8.77 16.65
C SER B 61 -5.42 8.13 15.30
N ARG B 62 -4.40 7.27 15.27
CA ARG B 62 -3.80 6.87 14.01
C ARG B 62 -3.31 5.45 14.02
N GLU B 63 -3.74 4.64 14.98
CA GLU B 63 -3.29 3.26 15.05
C GLU B 63 -3.59 2.48 13.75
N ASP B 64 -4.74 2.76 13.15
CA ASP B 64 -5.21 2.01 11.99
C ASP B 64 -4.31 2.26 10.78
N PHE B 65 -3.62 3.39 10.79
CA PHE B 65 -2.83 3.79 9.65
C PHE B 65 -1.81 2.70 9.32
N PHE B 66 -1.16 2.22 10.38
CA PHE B 66 -0.01 1.33 10.22
C PHE B 66 -0.37 0.02 9.50
N PRO B 67 -1.33 -0.77 10.07
CA PRO B 67 -1.74 -1.92 9.30
C PRO B 67 -2.41 -1.61 7.95
N LEU B 68 -3.18 -0.53 7.82
CA LEU B 68 -3.88 -0.27 6.55
C LEU B 68 -2.83 0.08 5.47
N SER B 69 -1.80 0.81 5.85
CA SER B 69 -0.69 1.16 4.93
C SER B 69 -0.03 -0.11 4.38
N MSE B 70 0.09 -1.13 5.24
CA MSE B 70 0.76 -2.37 4.86
C MSE B 70 -0.07 -3.18 3.89
O MSE B 70 0.47 -4.04 3.18
CB MSE B 70 1.01 -3.22 6.10
CG MSE B 70 2.23 -2.90 6.87
SE MSE B 70 2.15 -3.95 8.55
CE MSE B 70 1.71 -5.83 7.88
N GLN B 71 -1.37 -2.94 3.88
CA GLN B 71 -2.35 -3.63 3.05
C GLN B 71 -2.91 -2.79 1.90
N PHE B 72 -2.50 -1.53 1.79
CA PHE B 72 -3.05 -0.56 0.82
C PHE B 72 -3.02 -1.11 -0.61
N VAL B 73 -4.16 -1.09 -1.29
CA VAL B 73 -4.31 -1.65 -2.65
C VAL B 73 -5.01 -0.69 -3.56
N THR B 74 -4.78 -0.87 -4.85
CA THR B 74 -5.54 -0.13 -5.85
C THR B 74 -6.78 -0.94 -6.27
N GLN B 75 -7.96 -0.33 -6.15
CA GLN B 75 -9.20 -0.86 -6.75
C GLN B 75 -8.97 -1.36 -8.18
N VAL B 76 -9.54 -2.52 -8.49
CA VAL B 76 -9.56 -3.04 -9.86
C VAL B 76 -10.16 -2.00 -10.77
N ASN B 77 -11.26 -1.40 -10.32
CA ASN B 77 -12.00 -0.35 -11.03
C ASN B 77 -12.88 0.35 -10.00
N GLN B 78 -13.63 1.37 -10.39
CA GLN B 78 -14.44 2.11 -9.47
C GLN B 78 -15.48 1.21 -8.75
N ALA B 79 -16.07 0.24 -9.47
CA ALA B 79 -17.12 -0.63 -8.93
C ALA B 79 -16.53 -1.49 -7.81
N TYR B 80 -15.24 -1.77 -7.89
CA TYR B 80 -14.57 -2.57 -6.88
C TYR B 80 -13.98 -1.79 -5.73
N CYS B 81 -14.30 -0.49 -5.60
CA CYS B 81 -13.75 0.30 -4.45
C CYS B 81 -14.10 -0.31 -3.06
N GLY B 82 -15.30 -0.85 -2.92
CA GLY B 82 -15.74 -1.53 -1.69
C GLY B 82 -14.95 -2.80 -1.44
N VAL B 83 -14.70 -3.60 -2.51
CA VAL B 83 -13.93 -4.84 -2.37
C VAL B 83 -12.49 -4.53 -1.89
N ALA B 84 -11.84 -3.55 -2.53
CA ALA B 84 -10.49 -3.13 -2.14
C ALA B 84 -10.48 -2.74 -0.67
N SER B 85 -11.49 -1.98 -0.29
CA SER B 85 -11.61 -1.45 1.07
C SER B 85 -11.73 -2.60 2.09
N ILE B 86 -12.63 -3.54 1.81
CA ILE B 86 -12.88 -4.72 2.70
C ILE B 86 -11.61 -5.56 2.83
N ILE B 87 -10.94 -5.85 1.72
CA ILE B 87 -9.76 -6.73 1.83
C ILE B 87 -8.60 -6.08 2.57
N MSE B 88 -8.46 -4.77 2.50
CA MSE B 88 -7.42 -4.13 3.34
C MSE B 88 -7.73 -4.36 4.81
O MSE B 88 -6.84 -4.62 5.63
CB MSE B 88 -7.37 -2.63 3.07
CG MSE B 88 -6.82 -2.29 1.71
SE MSE B 88 -7.05 -0.35 1.37
CE MSE B 88 -6.05 0.46 2.90
N VAL B 89 -9.01 -4.19 5.15
CA VAL B 89 -9.44 -4.32 6.54
C VAL B 89 -9.37 -5.75 7.00
N LEU B 90 -9.83 -6.63 6.13
CA LEU B 90 -9.80 -8.07 6.44
C LEU B 90 -8.38 -8.66 6.58
N ASN B 91 -7.49 -8.29 5.68
CA ASN B 91 -6.06 -8.66 5.84
C ASN B 91 -5.51 -8.10 7.14
N SER B 92 -5.91 -6.88 7.51
CA SER B 92 -5.36 -6.23 8.69
C SER B 92 -5.89 -6.91 9.97
N LEU B 93 -7.09 -7.47 9.90
CA LEU B 93 -7.67 -8.18 11.05
C LEU B 93 -7.12 -9.59 11.23
N GLY B 94 -6.52 -10.18 10.19
CA GLY B 94 -5.95 -11.52 10.32
C GLY B 94 -6.95 -12.69 10.39
N ILE B 95 -8.17 -12.45 9.94
CA ILE B 95 -9.33 -13.38 9.85
C ILE B 95 -9.07 -14.79 9.30
N ASN B 96 -10.09 -15.37 8.68
CA ASN B 96 -9.89 -16.53 7.81
C ASN B 96 -9.73 -16.06 6.40
N ALA B 97 -8.48 -15.95 5.96
CA ALA B 97 -8.20 -15.58 4.59
C ALA B 97 -8.49 -16.72 3.61
N PRO B 98 -8.94 -16.39 2.40
CA PRO B 98 -9.11 -17.38 1.33
C PRO B 98 -7.82 -18.14 0.99
N GLU B 99 -7.95 -19.41 0.64
CA GLU B 99 -6.83 -20.21 0.09
C GLU B 99 -7.06 -20.43 -1.38
N THR B 100 -6.36 -19.68 -2.24
CA THR B 100 -6.54 -19.91 -3.66
C THR B 100 -5.20 -20.13 -4.38
N ALA B 101 -5.25 -20.55 -5.63
CA ALA B 101 -4.01 -20.89 -6.33
C ALA B 101 -3.04 -19.70 -6.46
N GLN B 102 -3.57 -18.46 -6.54
CA GLN B 102 -2.69 -17.33 -6.86
C GLN B 102 -1.58 -17.19 -5.85
N TYR B 103 -1.90 -17.26 -4.56
CA TYR B 103 -0.79 -17.13 -3.60
C TYR B 103 -0.52 -18.35 -2.76
N SER B 104 -1.10 -19.49 -3.14
CA SER B 104 -0.81 -20.82 -2.54
C SER B 104 0.69 -21.03 -2.29
N PRO B 105 1.08 -21.53 -1.09
CA PRO B 105 0.25 -21.98 0.03
C PRO B 105 -0.23 -20.85 0.96
N TYR B 106 0.03 -19.58 0.61
CA TYR B 106 -0.28 -18.47 1.51
C TYR B 106 -1.77 -18.13 1.46
N ARG B 107 -2.34 -17.74 2.58
CA ARG B 107 -3.72 -17.28 2.58
C ARG B 107 -3.75 -15.77 2.79
N VAL B 108 -4.48 -15.10 1.92
CA VAL B 108 -4.55 -13.66 1.90
C VAL B 108 -5.83 -13.21 1.20
N PHE B 109 -6.38 -12.08 1.63
CA PHE B 109 -7.52 -11.49 0.88
C PHE B 109 -6.97 -10.65 -0.26
N THR B 110 -7.63 -10.75 -1.41
CA THR B 110 -7.24 -10.05 -2.59
C THR B 110 -8.62 -9.74 -3.22
N GLN B 111 -8.69 -8.74 -4.08
CA GLN B 111 -9.88 -8.43 -4.84
C GLN B 111 -10.33 -9.60 -5.71
N ASP B 112 -9.34 -10.29 -6.29
CA ASP B 112 -9.57 -11.46 -7.11
C ASP B 112 -10.16 -12.66 -6.36
N ASN B 113 -9.80 -12.85 -5.11
CA ASN B 113 -10.32 -14.03 -4.35
C ASN B 113 -11.39 -13.77 -3.33
N PHE B 114 -11.82 -12.50 -3.21
CA PHE B 114 -12.78 -12.12 -2.20
C PHE B 114 -14.11 -12.90 -2.29
N PHE B 115 -14.56 -13.17 -3.50
CA PHE B 115 -15.79 -13.96 -3.67
C PHE B 115 -15.59 -15.48 -3.68
N SER B 116 -14.43 -16.00 -3.25
CA SER B 116 -14.26 -17.47 -3.15
C SER B 116 -15.19 -18.04 -2.08
N ASN B 117 -15.51 -17.21 -1.08
CA ASN B 117 -16.38 -17.49 0.08
C ASN B 117 -17.80 -17.64 -0.42
N GLU B 118 -18.32 -18.84 -0.22
CA GLU B 118 -19.65 -19.19 -0.74
C GLU B 118 -20.79 -18.25 -0.18
N LYS B 119 -20.74 -17.97 1.12
CA LYS B 119 -21.63 -16.98 1.71
C LYS B 119 -21.47 -15.56 1.14
N THR B 120 -20.25 -15.15 0.81
CA THR B 120 -20.04 -13.83 0.20
C THR B 120 -20.80 -13.67 -1.13
N LYS B 121 -20.63 -14.65 -2.03
CA LYS B 121 -21.37 -14.72 -3.28
C LYS B 121 -22.88 -14.62 -3.12
N ALA B 122 -23.38 -15.28 -2.07
CA ALA B 122 -24.80 -15.29 -1.71
C ALA B 122 -25.36 -13.90 -1.39
N VAL B 123 -24.54 -13.05 -0.80
CA VAL B 123 -24.96 -11.70 -0.42
C VAL B 123 -25.33 -10.93 -1.68
N ILE B 124 -24.45 -10.99 -2.68
CA ILE B 124 -24.63 -10.26 -3.95
C ILE B 124 -23.62 -10.77 -4.93
N ALA B 125 -24.14 -11.03 -6.14
CA ALA B 125 -23.40 -11.67 -7.20
C ALA B 125 -22.17 -10.85 -7.48
N PRO B 126 -21.04 -11.53 -7.63
CA PRO B 126 -19.81 -10.88 -8.02
C PRO B 126 -19.93 -10.02 -9.29
N GLU B 127 -20.76 -10.45 -10.23
CA GLU B 127 -20.91 -9.82 -11.56
C GLU B 127 -21.64 -8.51 -11.41
N VAL B 128 -22.56 -8.47 -10.46
CA VAL B 128 -23.28 -7.27 -10.13
C VAL B 128 -22.35 -6.23 -9.47
N VAL B 129 -21.61 -6.63 -8.42
CA VAL B 129 -20.62 -5.76 -7.75
C VAL B 129 -19.59 -5.24 -8.76
N ALA B 130 -19.12 -6.09 -9.69
CA ALA B 130 -18.18 -5.73 -10.77
C ALA B 130 -18.68 -4.56 -11.67
N LYS B 131 -19.99 -4.39 -11.74
CA LYS B 131 -20.62 -3.43 -12.61
C LYS B 131 -21.06 -2.22 -11.83
N GLN B 132 -21.76 -2.43 -10.71
CA GLN B 132 -22.42 -1.33 -10.01
C GLN B 132 -21.93 -1.05 -8.60
N GLY B 133 -20.93 -1.79 -8.18
CA GLY B 133 -20.39 -1.67 -6.84
C GLY B 133 -21.36 -2.17 -5.81
N MSE B 134 -21.28 -1.59 -4.62
CA MSE B 134 -22.10 -2.01 -3.49
C MSE B 134 -22.57 -0.79 -2.73
O MSE B 134 -21.90 0.27 -2.68
CB MSE B 134 -21.28 -2.92 -2.54
CG MSE B 134 -20.14 -2.17 -1.86
SE MSE B 134 -18.89 -3.35 -0.86
CE MSE B 134 -18.25 -4.28 -2.36
N THR B 135 -23.70 -0.96 -2.09
CA THR B 135 -24.21 0.03 -1.17
C THR B 135 -23.65 -0.21 0.24
N LEU B 136 -23.98 0.70 1.15
CA LEU B 136 -23.47 0.63 2.53
C LEU B 136 -23.97 -0.66 3.23
N ASP B 137 -25.25 -0.97 3.07
CA ASP B 137 -25.81 -2.22 3.63
C ASP B 137 -25.13 -3.44 3.05
N GLU B 138 -24.85 -3.42 1.74
CA GLU B 138 -24.22 -4.58 1.08
C GLU B 138 -22.79 -4.74 1.56
N LEU B 139 -22.11 -3.62 1.71
CA LEU B 139 -20.76 -3.60 2.24
C LEU B 139 -20.75 -4.26 3.63
N GLY B 140 -21.66 -3.85 4.50
CA GLY B 140 -21.85 -4.51 5.79
C GLY B 140 -22.03 -6.02 5.72
N ARG B 141 -22.93 -6.47 4.85
CA ARG B 141 -23.21 -7.89 4.69
C ARG B 141 -22.07 -8.68 4.05
N LEU B 142 -21.36 -8.05 3.10
CA LEU B 142 -20.17 -8.65 2.51
C LEU B 142 -19.09 -8.87 3.55
N ILE B 143 -18.84 -7.88 4.41
CA ILE B 143 -17.85 -8.04 5.47
C ILE B 143 -18.28 -9.16 6.44
N ALA B 144 -19.52 -9.11 6.89
CA ALA B 144 -20.05 -10.03 7.89
C ALA B 144 -20.00 -11.47 7.41
N SER B 145 -20.01 -11.67 6.09
CA SER B 145 -20.00 -12.98 5.45
C SER B 145 -18.69 -13.75 5.72
N TYR B 146 -17.64 -13.00 6.09
CA TYR B 146 -16.38 -13.63 6.51
C TYR B 146 -16.29 -13.83 8.03
N GLY B 147 -17.41 -13.69 8.73
CA GLY B 147 -17.47 -13.93 10.18
C GLY B 147 -16.80 -12.93 11.08
N VAL B 148 -16.74 -11.68 10.64
CA VAL B 148 -16.23 -10.64 11.55
C VAL B 148 -17.44 -9.84 12.02
N LYS B 149 -17.26 -9.07 13.08
CA LYS B 149 -18.31 -8.27 13.67
C LYS B 149 -18.39 -6.96 12.93
N VAL B 150 -19.59 -6.57 12.53
CA VAL B 150 -19.82 -5.36 11.72
C VAL B 150 -20.96 -4.52 12.27
N LYS B 151 -20.78 -3.21 12.28
CA LYS B 151 -21.82 -2.29 12.67
C LYS B 151 -21.97 -1.27 11.57
N VAL B 152 -23.10 -1.30 10.91
CA VAL B 152 -23.40 -0.38 9.80
C VAL B 152 -24.10 0.84 10.37
N ASN B 153 -23.58 2.01 10.00
CA ASN B 153 -24.10 3.29 10.48
C ASN B 153 -24.44 4.22 9.34
N HIS B 154 -25.71 4.25 8.95
CA HIS B 154 -26.23 5.25 8.03
C HIS B 154 -26.23 6.62 8.64
N ALA B 155 -25.82 7.62 7.85
CA ALA B 155 -25.72 9.02 8.33
C ALA B 155 -27.07 9.48 8.95
N SER B 156 -28.16 9.09 8.29
CA SER B 156 -29.51 9.39 8.76
C SER B 156 -29.87 8.75 10.12
N ASP B 157 -29.07 7.81 10.62
CA ASP B 157 -29.34 7.19 11.95
C ASP B 157 -28.42 7.72 13.07
N THR B 158 -27.59 8.70 12.76
CA THR B 158 -26.65 9.23 13.73
C THR B 158 -26.42 10.71 13.44
N ASN B 159 -25.33 11.28 13.94
CA ASN B 159 -25.04 12.69 13.72
C ASN B 159 -23.54 12.88 13.74
N ILE B 160 -23.10 14.04 13.25
CA ILE B 160 -21.66 14.36 13.16
C ILE B 160 -20.92 14.26 14.53
N GLU B 161 -21.57 14.66 15.63
CA GLU B 161 -20.86 14.61 16.92
C GLU B 161 -20.48 13.18 17.24
N ASP B 162 -21.44 12.27 17.10
CA ASP B 162 -21.25 10.86 17.44
C ASP B 162 -20.33 10.16 16.46
N PHE B 163 -20.46 10.54 15.19
CA PHE B 163 -19.55 10.08 14.13
C PHE B 163 -18.11 10.41 14.50
N ARG B 164 -17.84 11.69 14.77
CA ARG B 164 -16.48 12.14 15.04
C ARG B 164 -15.93 11.40 16.27
N LYS B 165 -16.75 11.35 17.32
CA LYS B 165 -16.37 10.81 18.61
C LYS B 165 -16.11 9.30 18.57
N GLN B 166 -17.06 8.55 18.03
CA GLN B 166 -16.91 7.12 17.93
C GLN B 166 -15.81 6.71 16.93
N VAL B 167 -15.68 7.44 15.82
CA VAL B 167 -14.61 7.12 14.86
C VAL B 167 -13.22 7.48 15.41
N ALA B 168 -13.07 8.66 16.01
CA ALA B 168 -11.79 9.08 16.64
C ALA B 168 -11.35 8.07 17.69
N GLU B 169 -12.30 7.53 18.43
CA GLU B 169 -12.01 6.51 19.42
C GLU B 169 -11.51 5.20 18.75
N ASN B 170 -12.26 4.74 17.74
CA ASN B 170 -11.90 3.52 17.02
C ASN B 170 -10.49 3.59 16.41
N LEU B 171 -10.12 4.77 15.93
CA LEU B 171 -8.84 4.94 15.27
C LEU B 171 -7.68 4.75 16.22
N LYS B 172 -7.94 4.96 17.50
CA LYS B 172 -7.01 4.66 18.60
C LYS B 172 -6.97 3.20 19.07
N GLN B 173 -7.94 2.38 18.67
CA GLN B 173 -8.00 0.98 19.07
C GLN B 173 -7.39 -0.01 18.05
N ASP B 174 -6.56 -0.94 18.52
CA ASP B 174 -6.18 -2.10 17.71
C ASP B 174 -7.37 -2.98 17.41
N GLY B 175 -7.36 -3.64 16.24
CA GLY B 175 -8.33 -4.67 15.91
C GLY B 175 -9.74 -4.19 15.62
N ASN B 176 -9.89 -2.90 15.39
CA ASN B 176 -11.16 -2.20 15.12
C ASN B 176 -10.82 -1.35 13.89
N PHE B 177 -11.68 -1.31 12.87
CA PHE B 177 -11.44 -0.52 11.66
C PHE B 177 -12.69 0.22 11.23
N VAL B 178 -12.53 1.32 10.50
CA VAL B 178 -13.68 2.04 9.96
C VAL B 178 -13.59 2.17 8.43
N ILE B 179 -14.70 1.86 7.77
CA ILE B 179 -14.82 2.12 6.32
C ILE B 179 -15.96 3.11 6.11
N VAL B 180 -15.68 4.12 5.31
CA VAL B 180 -16.67 5.15 4.97
C VAL B 180 -17.19 5.03 3.53
N ASN B 181 -18.44 5.45 3.35
CA ASN B 181 -19.11 5.47 2.06
C ASN B 181 -19.67 6.88 1.88
N TYR B 182 -19.27 7.58 0.83
CA TYR B 182 -19.53 9.03 0.78
C TYR B 182 -19.62 9.44 -0.67
N LEU B 183 -20.28 10.57 -0.91
CA LEU B 183 -20.37 11.11 -2.26
C LEU B 183 -19.17 12.06 -2.50
N ARG B 184 -18.31 11.73 -3.47
CA ARG B 184 -17.08 12.47 -3.69
C ARG B 184 -17.32 13.99 -3.88
N LYS B 185 -18.37 14.35 -4.63
CA LYS B 185 -18.68 15.76 -4.98
C LYS B 185 -18.75 16.61 -3.75
N GLU B 186 -19.35 16.05 -2.70
CA GLU B 186 -19.53 16.79 -1.44
C GLU B 186 -18.22 17.09 -0.71
N ILE B 187 -17.11 16.43 -1.08
CA ILE B 187 -15.81 16.82 -0.52
C ILE B 187 -14.96 17.53 -1.57
N GLY B 188 -15.58 17.82 -2.72
CA GLY B 188 -14.91 18.52 -3.83
C GLY B 188 -14.14 17.59 -4.74
N GLN B 189 -14.55 16.33 -4.78
CA GLN B 189 -13.82 15.39 -5.62
C GLN B 189 -14.68 14.86 -6.75
N GLU B 190 -14.03 14.18 -7.67
CA GLU B 190 -14.69 13.74 -8.90
C GLU B 190 -15.56 12.51 -8.72
N ARG B 191 -16.72 12.87 -8.22
CA ARG B 191 -18.06 12.57 -8.67
C ARG B 191 -18.89 11.71 -7.73
N GLY B 192 -19.07 10.45 -8.06
CA GLY B 192 -20.11 9.67 -7.43
C GLY B 192 -19.76 9.07 -6.10
N GLY B 193 -20.47 8.02 -5.72
CA GLY B 193 -20.29 7.41 -4.44
C GLY B 193 -18.93 6.70 -4.41
N HIS B 194 -18.29 6.69 -3.26
CA HIS B 194 -17.00 5.99 -3.14
C HIS B 194 -16.99 5.24 -1.82
N ILE B 195 -16.10 4.25 -1.69
CA ILE B 195 -15.90 3.59 -0.41
C ILE B 195 -14.39 3.51 -0.22
N SER B 196 -13.93 3.83 0.98
CA SER B 196 -12.50 3.62 1.38
C SER B 196 -12.36 3.57 2.89
N PRO B 197 -11.30 2.90 3.38
CA PRO B 197 -11.08 2.95 4.83
C PRO B 197 -10.56 4.29 5.34
N LEU B 198 -10.84 4.57 6.59
CA LEU B 198 -10.14 5.68 7.32
C LEU B 198 -8.98 5.13 8.11
N ALA B 199 -7.90 5.95 8.17
CA ALA B 199 -6.66 5.54 8.79
C ALA B 199 -6.29 6.35 10.04
N ALA B 200 -6.83 7.57 10.13
CA ALA B 200 -6.40 8.43 11.23
C ALA B 200 -7.29 9.62 11.38
N TYR B 201 -7.22 10.22 12.56
CA TYR B 201 -7.91 11.45 12.85
C TYR B 201 -6.91 12.43 13.44
N ASN B 202 -6.91 13.62 12.88
CA ASN B 202 -6.04 14.67 13.39
C ASN B 202 -6.88 15.65 14.20
N GLU B 203 -6.61 15.65 15.50
CA GLU B 203 -7.38 16.41 16.50
C GLU B 203 -7.27 17.91 16.29
N GLN B 204 -6.06 18.33 15.91
CA GLN B 204 -5.75 19.75 15.75
C GLN B 204 -6.57 20.39 14.66
N THR B 205 -6.78 19.65 13.57
CA THR B 205 -7.43 20.16 12.38
C THR B 205 -8.83 19.62 12.16
N ASP B 206 -9.28 18.72 13.04
CA ASP B 206 -10.57 18.04 12.85
C ASP B 206 -10.66 17.43 11.45
N ARG B 207 -9.67 16.62 11.07
CA ARG B 207 -9.69 16.01 9.76
C ARG B 207 -9.46 14.52 9.93
N PHE B 208 -10.12 13.75 9.06
CA PHE B 208 -9.95 12.32 8.91
C PHE B 208 -9.13 11.99 7.64
N LEU B 209 -8.28 10.97 7.75
CA LEU B 209 -7.50 10.51 6.61
C LEU B 209 -8.20 9.34 5.94
N ILE B 210 -8.58 9.56 4.70
CA ILE B 210 -9.17 8.53 3.86
C ILE B 210 -8.10 7.84 3.04
N MSE B 211 -7.93 6.55 3.26
CA MSE B 211 -7.01 5.73 2.45
C MSE B 211 -7.71 5.40 1.14
O MSE B 211 -8.29 4.33 0.95
CB MSE B 211 -6.58 4.44 3.19
CG MSE B 211 -5.88 4.76 4.57
SE MSE B 211 -4.10 5.65 4.29
CE MSE B 211 -3.10 4.03 3.60
N ASP B 212 -7.63 6.33 0.20
CA ASP B 212 -8.42 6.24 -0.98
C ASP B 212 -7.86 5.14 -1.90
N VAL B 213 -8.67 4.08 -2.13
CA VAL B 213 -8.33 2.95 -2.96
C VAL B 213 -8.26 3.28 -4.46
N SER B 214 -8.71 4.47 -4.88
CA SER B 214 -8.59 4.93 -6.29
C SER B 214 -7.21 5.55 -6.50
N ARG B 215 -6.17 4.83 -6.15
CA ARG B 215 -4.84 5.42 -6.04
C ARG B 215 -4.29 5.99 -7.34
N TYR B 216 -4.74 5.46 -8.47
CA TYR B 216 -4.39 6.04 -9.76
C TYR B 216 -5.00 7.43 -10.04
N LYS B 217 -5.93 7.87 -9.18
CA LYS B 217 -6.79 9.06 -9.40
C LYS B 217 -6.55 10.12 -8.31
N TYR B 218 -6.54 9.66 -7.06
CA TYR B 218 -6.34 10.54 -5.95
C TYR B 218 -5.36 9.91 -4.95
N PRO B 219 -4.63 10.76 -4.19
CA PRO B 219 -3.80 10.32 -3.08
C PRO B 219 -4.72 10.14 -1.88
N PRO B 220 -4.22 9.53 -0.78
CA PRO B 220 -5.05 9.64 0.44
C PRO B 220 -5.27 11.13 0.78
N VAL B 221 -6.37 11.46 1.45
CA VAL B 221 -6.72 12.86 1.59
C VAL B 221 -7.17 13.06 3.05
N TRP B 222 -6.72 14.17 3.65
CA TRP B 222 -7.22 14.67 4.96
C TRP B 222 -8.44 15.59 4.77
N VAL B 223 -9.60 15.09 5.17
CA VAL B 223 -10.86 15.78 4.92
C VAL B 223 -11.45 16.25 6.24
N LYS B 224 -11.91 17.51 6.29
CA LYS B 224 -12.64 18.04 7.48
C LYS B 224 -13.85 17.19 7.79
N THR B 225 -14.07 16.92 9.07
CA THR B 225 -15.19 16.05 9.51
C THR B 225 -16.52 16.59 8.93
N THR B 226 -16.65 17.93 8.86
CA THR B 226 -17.92 18.51 8.34
C THR B 226 -18.12 18.22 6.86
N ASP B 227 -17.05 18.18 6.08
CA ASP B 227 -17.15 17.80 4.65
C ASP B 227 -17.47 16.33 4.50
N LEU B 228 -16.81 15.50 5.31
CA LEU B 228 -17.02 14.06 5.22
C LEU B 228 -18.41 13.75 5.70
N TRP B 229 -18.87 14.47 6.73
CA TRP B 229 -20.23 14.30 7.18
C TRP B 229 -21.27 14.60 6.07
N LYS B 230 -21.18 15.77 5.43
CA LYS B 230 -22.12 16.18 4.33
C LYS B 230 -22.09 15.12 3.20
N ALA B 231 -20.89 14.61 2.90
CA ALA B 231 -20.68 13.58 1.86
C ALA B 231 -21.34 12.23 2.17
N MSE B 232 -21.30 11.81 3.43
CA MSE B 232 -21.98 10.61 3.89
C MSE B 232 -23.50 10.81 4.01
O MSE B 232 -24.26 9.89 3.82
CB MSE B 232 -21.43 10.16 5.23
CG MSE B 232 -20.01 9.52 5.11
SE MSE B 232 -19.44 8.93 6.88
CE MSE B 232 -19.73 10.57 8.01
N ASN B 233 -23.91 12.02 4.38
CA ASN B 233 -25.33 12.38 4.55
C ASN B 233 -26.00 12.63 3.19
N THR B 234 -25.81 11.68 2.30
CA THR B 234 -26.29 11.79 0.94
C THR B 234 -27.04 10.49 0.61
N VAL B 235 -28.04 10.57 -0.23
CA VAL B 235 -28.86 9.40 -0.48
C VAL B 235 -28.28 8.67 -1.68
N ASP B 236 -27.92 7.42 -1.48
CA ASP B 236 -27.45 6.58 -2.55
C ASP B 236 -28.69 6.15 -3.36
N SER B 237 -28.72 6.51 -4.65
CA SER B 237 -29.89 6.21 -5.49
C SER B 237 -30.10 4.71 -5.70
N VAL B 238 -29.01 3.95 -5.62
CA VAL B 238 -29.11 2.47 -5.69
C VAL B 238 -29.84 1.90 -4.48
N SER B 239 -29.53 2.36 -3.25
CA SER B 239 -30.21 1.82 -2.06
C SER B 239 -31.44 2.63 -1.63
N GLN B 240 -31.55 3.85 -2.14
CA GLN B 240 -32.53 4.83 -1.67
C GLN B 240 -32.34 5.08 -0.19
N LYS B 241 -31.13 4.85 0.29
CA LYS B 241 -30.78 5.09 1.68
C LYS B 241 -29.57 5.97 1.71
N THR B 242 -29.40 6.58 2.86
CA THR B 242 -28.28 7.42 3.11
C THR B 242 -26.95 6.57 3.12
N ARG B 243 -25.84 7.23 2.76
CA ARG B 243 -24.51 6.65 2.93
C ARG B 243 -24.12 6.67 4.43
N GLY B 244 -22.85 6.43 4.73
CA GLY B 244 -22.41 6.34 6.10
C GLY B 244 -21.08 5.63 6.28
N PHE B 245 -20.98 4.88 7.37
CA PHE B 245 -19.76 4.25 7.79
C PHE B 245 -20.03 2.91 8.46
N VAL B 246 -19.02 2.06 8.44
CA VAL B 246 -19.13 0.74 9.00
C VAL B 246 -17.94 0.51 9.88
N PHE B 247 -18.20 0.04 11.11
CA PHE B 247 -17.18 -0.46 12.04
C PHE B 247 -16.97 -1.97 11.90
N VAL B 248 -15.72 -2.40 11.92
CA VAL B 248 -15.40 -3.80 11.66
C VAL B 248 -14.43 -4.22 12.74
N SER B 249 -14.73 -5.33 13.40
CA SER B 249 -13.80 -5.92 14.35
C SER B 249 -13.99 -7.44 14.43
CA CA C . 14.80 9.56 -1.04
CA CA D . -9.07 1.05 15.08
#